data_3GQJ
#
_entry.id   3GQJ
#
_cell.length_a   59.130
_cell.length_b   59.130
_cell.length_c   293.170
_cell.angle_alpha   90.00
_cell.angle_beta   90.00
_cell.angle_gamma   120.00
#
_symmetry.space_group_name_H-M   'P 61 2 2'
#
loop_
_entity.id
_entity.type
_entity.pdbx_description
1 polymer 'Cell Inhibiting Factor (Cif)'
2 non-polymer 'SULFATE ION'
3 non-polymer GLYCEROL
4 water water
#
_entity_poly.entity_id   1
_entity_poly.type   'polypeptide(L)'
_entity_poly.pdbx_seq_one_letter_code
;KNSINTIKLIDDIIALHNDPKGNKLLWNDNWQDKIINRDLANIFEKIDESVSELGGLEMYQEMVGVNPYDPTEPVCGLSA
QNIFKLMTEGEHAVDPVEMAQTGKIDGNEFAESVDQLSSAKNYVALVNDRRLGHMFLIDIPSNDQETVGYIYQSDLGQGA
LPPLKIADWLNSRGKDAVSLNKLKKLLSREFNLLSDDEKRALISETLDIHKDVSNVELDRIKRDRGVDIYLTEYDVNNFY
ENIETLKSKLSNYDKKLSKPK
;
_entity_poly.pdbx_strand_id   A
#
loop_
_chem_comp.id
_chem_comp.type
_chem_comp.name
_chem_comp.formula
GOL non-polymer GLYCEROL 'C3 H8 O3'
SO4 non-polymer 'SULFATE ION' 'O4 S -2'
#
# COMPACT_ATOMS: atom_id res chain seq x y z
N SER A 3 16.29 11.57 -13.46
CA SER A 3 15.41 11.52 -14.67
C SER A 3 13.93 11.54 -14.28
N ILE A 4 13.44 10.45 -13.68
CA ILE A 4 12.09 10.46 -13.12
C ILE A 4 12.14 11.07 -11.74
N ASN A 5 11.30 12.07 -11.50
CA ASN A 5 11.15 12.66 -10.19
C ASN A 5 10.27 11.80 -9.27
N THR A 6 10.89 11.09 -8.32
CA THR A 6 10.18 10.08 -7.55
C THR A 6 9.37 10.65 -6.39
N ILE A 7 9.75 11.84 -5.90
CA ILE A 7 8.99 12.48 -4.84
C ILE A 7 7.69 13.00 -5.43
N LYS A 8 7.76 13.45 -6.68
CA LYS A 8 6.58 13.91 -7.41
C LYS A 8 5.62 12.79 -7.73
N LEU A 9 6.14 11.57 -7.90
CA LEU A 9 5.28 10.41 -8.10
C LEU A 9 4.26 10.31 -6.95
N ILE A 10 4.76 10.39 -5.72
CA ILE A 10 3.95 10.28 -4.51
C ILE A 10 2.99 11.48 -4.38
N ASP A 11 3.47 12.67 -4.70
CA ASP A 11 2.61 13.84 -4.60
C ASP A 11 1.53 13.75 -5.69
N ASP A 12 1.83 13.12 -6.82
CA ASP A 12 0.82 12.92 -7.86
C ASP A 12 -0.21 11.84 -7.46
N ILE A 13 0.22 10.86 -6.69
CA ILE A 13 -0.75 9.89 -6.13
C ILE A 13 -1.70 10.63 -5.21
N ILE A 14 -1.14 11.49 -4.36
CA ILE A 14 -1.95 12.32 -3.47
C ILE A 14 -2.95 13.20 -4.26
N ALA A 15 -2.46 13.88 -5.30
CA ALA A 15 -3.35 14.67 -6.16
C ALA A 15 -4.50 13.84 -6.75
N LEU A 16 -4.19 12.66 -7.26
CA LEU A 16 -5.19 11.77 -7.83
C LEU A 16 -6.23 11.37 -6.78
N HIS A 17 -5.75 11.03 -5.59
CA HIS A 17 -6.65 10.72 -4.46
C HIS A 17 -7.56 11.90 -4.10
N ASN A 18 -7.01 13.12 -4.15
CA ASN A 18 -7.80 14.31 -3.81
C ASN A 18 -8.83 14.73 -4.86
N ASP A 19 -8.70 14.24 -6.09
CA ASP A 19 -9.65 14.56 -7.13
C ASP A 19 -10.88 13.68 -6.97
N PRO A 20 -12.10 14.26 -7.06
CA PRO A 20 -13.32 13.46 -6.92
C PRO A 20 -13.42 12.33 -7.93
N LYS A 21 -12.93 12.53 -9.15
CA LYS A 21 -12.97 11.47 -10.15
C LYS A 21 -11.67 10.65 -10.16
N GLY A 22 -10.54 11.30 -9.89
CA GLY A 22 -9.28 10.56 -9.78
C GLY A 22 -9.35 9.52 -8.67
N ASN A 23 -10.08 9.85 -7.62
CA ASN A 23 -10.19 8.98 -6.44
C ASN A 23 -10.82 7.64 -6.82
N LYS A 24 -11.79 7.68 -7.75
CA LYS A 24 -12.52 6.50 -8.17
C LYS A 24 -11.73 5.60 -9.11
N LEU A 25 -10.87 6.23 -9.90
CA LEU A 25 -9.92 5.52 -10.75
C LEU A 25 -8.88 4.78 -9.92
N LEU A 26 -8.29 5.49 -8.98
CA LEU A 26 -7.19 4.99 -8.20
C LEU A 26 -7.64 3.87 -7.22
N TRP A 27 -8.72 4.06 -6.49
CA TRP A 27 -9.08 3.07 -5.48
C TRP A 27 -10.17 2.06 -5.88
N ASN A 28 -10.38 1.86 -7.18
CA ASN A 28 -11.29 0.81 -7.66
C ASN A 28 -10.76 -0.57 -7.25
N ASP A 29 -11.63 -1.58 -7.17
CA ASP A 29 -11.21 -2.89 -6.65
C ASP A 29 -11.11 -3.98 -7.72
N ASN A 30 -10.91 -3.58 -8.97
CA ASN A 30 -10.69 -4.55 -10.05
C ASN A 30 -9.21 -4.98 -10.02
N TRP A 31 -8.92 -6.18 -9.48
CA TRP A 31 -7.53 -6.63 -9.29
C TRP A 31 -6.94 -7.37 -10.47
N GLN A 32 -7.81 -7.92 -11.30
CA GLN A 32 -7.41 -8.76 -12.41
C GLN A 32 -6.96 -7.96 -13.66
N ASP A 33 -7.57 -6.82 -13.92
CA ASP A 33 -7.23 -6.03 -15.13
C ASP A 33 -6.22 -4.96 -14.79
N LYS A 34 -5.48 -4.51 -15.80
CA LYS A 34 -4.53 -3.42 -15.60
C LYS A 34 -5.21 -2.19 -15.02
N ILE A 35 -4.55 -1.53 -14.07
CA ILE A 35 -5.10 -0.34 -13.49
C ILE A 35 -5.31 0.72 -14.56
N ILE A 36 -4.39 0.82 -15.54
CA ILE A 36 -4.60 1.80 -16.59
CA ILE A 36 -4.56 1.77 -16.63
C ILE A 36 -5.72 1.37 -17.53
N ASN A 37 -6.17 0.12 -17.45
CA ASN A 37 -7.32 -0.27 -18.27
C ASN A 37 -8.65 0.23 -17.65
N ARG A 38 -8.57 1.01 -16.56
CA ARG A 38 -9.78 1.50 -15.87
C ARG A 38 -10.45 2.69 -16.56
N ASP A 39 -11.77 2.60 -16.68
CA ASP A 39 -12.53 3.57 -17.45
C ASP A 39 -13.52 4.31 -16.57
N LEU A 40 -13.28 5.60 -16.44
CA LEU A 40 -14.05 6.51 -15.62
C LEU A 40 -15.54 6.43 -15.93
N ALA A 41 -15.88 6.46 -17.22
CA ALA A 41 -17.26 6.44 -17.63
C ALA A 41 -17.90 5.16 -17.11
N ASN A 42 -17.18 4.06 -17.27
CA ASN A 42 -17.67 2.76 -16.88
C ASN A 42 -17.83 2.63 -15.35
N ILE A 43 -16.83 3.13 -14.63
CA ILE A 43 -16.87 3.09 -13.17
C ILE A 43 -18.05 3.94 -12.65
N PHE A 44 -18.21 5.14 -13.19
CA PHE A 44 -19.31 5.98 -12.76
C PHE A 44 -20.69 5.46 -13.22
N GLU A 45 -20.74 4.80 -14.37
CA GLU A 45 -22.00 4.23 -14.82
C GLU A 45 -22.45 3.12 -13.89
N LYS A 46 -21.48 2.34 -13.40
CA LYS A 46 -21.84 1.29 -12.48
C LYS A 46 -22.41 1.90 -11.21
N ILE A 47 -21.80 2.98 -10.71
CA ILE A 47 -22.36 3.67 -9.53
C ILE A 47 -23.76 4.23 -9.81
N ASP A 48 -23.91 4.93 -10.94
CA ASP A 48 -25.18 5.53 -11.33
C ASP A 48 -26.29 4.48 -11.41
N GLU A 49 -25.99 3.35 -12.03
CA GLU A 49 -27.02 2.33 -12.18
C GLU A 49 -27.43 1.71 -10.85
N SER A 50 -26.46 1.49 -9.96
CA SER A 50 -26.75 0.99 -8.61
CA SER A 50 -26.76 0.99 -8.62
C SER A 50 -27.61 1.98 -7.81
N VAL A 51 -27.42 3.26 -8.07
CA VAL A 51 -28.20 4.29 -7.38
C VAL A 51 -29.60 4.42 -7.99
N SER A 52 -29.69 4.38 -9.31
CA SER A 52 -31.00 4.45 -9.96
C SER A 52 -31.86 3.24 -9.57
N GLU A 53 -31.22 2.08 -9.47
CA GLU A 53 -31.93 0.83 -9.19
C GLU A 53 -32.61 0.90 -7.82
N LEU A 54 -32.02 1.63 -6.90
CA LEU A 54 -32.57 1.75 -5.54
C LEU A 54 -33.46 2.97 -5.38
N GLY A 55 -33.80 3.61 -6.50
CA GLY A 55 -34.73 4.74 -6.48
C GLY A 55 -34.10 6.13 -6.30
N GLY A 56 -32.80 6.25 -6.53
CA GLY A 56 -32.14 7.56 -6.43
C GLY A 56 -31.26 7.72 -5.21
N LEU A 57 -30.55 8.84 -5.12
CA LEU A 57 -29.48 8.96 -4.11
C LEU A 57 -30.01 8.98 -2.69
N GLU A 58 -31.12 9.67 -2.46
CA GLU A 58 -31.63 9.77 -1.09
C GLU A 58 -32.03 8.38 -0.59
N MET A 59 -32.72 7.63 -1.43
CA MET A 59 -33.13 6.28 -1.10
C MET A 59 -31.92 5.33 -0.96
N TYR A 60 -30.95 5.45 -1.87
CA TYR A 60 -29.72 4.65 -1.75
C TYR A 60 -29.04 4.87 -0.39
N GLN A 61 -28.90 6.12 0.01
CA GLN A 61 -28.24 6.41 1.26
C GLN A 61 -29.04 5.85 2.44
N GLU A 62 -30.36 5.93 2.38
CA GLU A 62 -31.19 5.29 3.41
C GLU A 62 -30.98 3.78 3.54
N MET A 63 -30.84 3.07 2.40
CA MET A 63 -30.70 1.61 2.42
C MET A 63 -29.27 1.13 2.64
N VAL A 64 -28.28 1.97 2.33
CA VAL A 64 -26.89 1.52 2.25
C VAL A 64 -26.03 2.20 3.28
N GLY A 65 -26.36 3.45 3.58
CA GLY A 65 -25.67 4.18 4.63
C GLY A 65 -24.42 4.89 4.14
N VAL A 66 -24.25 4.95 2.84
CA VAL A 66 -23.09 5.65 2.26
C VAL A 66 -23.54 6.40 1.01
N ASN A 67 -22.85 7.51 0.72
CA ASN A 67 -23.02 8.20 -0.55
C ASN A 67 -21.92 7.69 -1.48
N PRO A 68 -22.27 6.91 -2.53
CA PRO A 68 -21.21 6.27 -3.26
C PRO A 68 -20.43 7.24 -4.17
N TYR A 69 -20.87 8.48 -4.24
CA TYR A 69 -20.13 9.50 -4.98
C TYR A 69 -19.08 10.16 -4.14
N ASP A 70 -19.15 9.95 -2.83
CA ASP A 70 -18.14 10.52 -1.94
C ASP A 70 -16.80 9.85 -2.22
N PRO A 71 -15.70 10.57 -1.94
CA PRO A 71 -14.39 9.94 -2.12
C PRO A 71 -14.18 8.75 -1.18
N THR A 72 -13.39 7.82 -1.65
CA THR A 72 -12.97 6.66 -0.87
C THR A 72 -11.71 7.00 -0.05
N GLU A 73 -11.74 6.59 1.22
CA GLU A 73 -10.60 6.68 2.11
C GLU A 73 -10.17 5.23 2.26
N PRO A 74 -9.15 4.82 1.49
CA PRO A 74 -8.96 3.37 1.34
C PRO A 74 -8.36 2.70 2.57
N VAL A 75 -8.88 1.51 2.88
CA VAL A 75 -8.27 0.77 3.97
C VAL A 75 -6.95 0.17 3.46
N CYS A 76 -6.20 -0.45 4.36
CA CYS A 76 -4.79 -0.80 4.09
C CYS A 76 -4.57 -1.64 2.85
N GLY A 77 -5.42 -2.64 2.65
CA GLY A 77 -5.28 -3.52 1.50
C GLY A 77 -5.71 -2.86 0.20
N LEU A 78 -6.71 -1.98 0.28
CA LEU A 78 -7.19 -1.28 -0.92
C LEU A 78 -6.10 -0.30 -1.43
N SER A 79 -5.46 0.41 -0.53
CA SER A 79 -4.44 1.36 -1.01
C SER A 79 -3.17 0.64 -1.48
N ALA A 80 -2.72 -0.34 -0.68
CA ALA A 80 -1.47 -1.04 -0.97
C ALA A 80 -1.56 -1.77 -2.29
N GLN A 81 -2.64 -2.51 -2.52
CA GLN A 81 -2.75 -3.28 -3.75
C GLN A 81 -2.84 -2.42 -4.99
N ASN A 82 -3.53 -1.29 -4.87
CA ASN A 82 -3.62 -0.33 -5.97
C ASN A 82 -2.33 0.39 -6.28
N ILE A 83 -1.63 0.89 -5.27
CA ILE A 83 -0.30 1.45 -5.54
C ILE A 83 0.66 0.39 -6.11
N PHE A 84 0.53 -0.86 -5.66
CA PHE A 84 1.37 -1.96 -6.19
C PHE A 84 1.16 -2.16 -7.71
N LYS A 85 -0.11 -2.11 -8.14
CA LYS A 85 -0.41 -2.24 -9.57
C LYS A 85 0.18 -1.07 -10.35
N LEU A 86 0.08 0.12 -9.77
CA LEU A 86 0.65 1.33 -10.36
C LEU A 86 2.15 1.16 -10.62
N MET A 87 2.85 0.55 -9.65
CA MET A 87 4.31 0.33 -9.78
C MET A 87 4.72 -0.81 -10.69
N THR A 88 3.95 -1.90 -10.72
CA THR A 88 4.42 -3.14 -11.33
C THR A 88 3.89 -3.46 -12.72
N GLU A 89 2.85 -2.75 -13.16
CA GLU A 89 2.22 -3.08 -14.44
C GLU A 89 2.88 -2.33 -15.57
N GLY A 90 3.12 -3.04 -16.66
CA GLY A 90 3.65 -2.44 -17.90
C GLY A 90 2.58 -2.72 -18.93
N GLU A 91 2.85 -3.70 -19.79
CA GLU A 91 1.94 -4.22 -20.81
CA GLU A 91 1.83 -4.08 -20.73
C GLU A 91 0.96 -5.21 -20.19
N HIS A 92 1.39 -5.88 -19.12
CA HIS A 92 0.60 -6.94 -18.52
C HIS A 92 0.06 -6.58 -17.13
N ALA A 93 -1.12 -7.10 -16.83
CA ALA A 93 -1.71 -6.88 -15.52
C ALA A 93 -0.98 -7.71 -14.47
N VAL A 94 -1.00 -7.18 -13.25
CA VAL A 94 -0.51 -7.84 -12.06
C VAL A 94 -1.69 -7.92 -11.08
N ASP A 95 -2.08 -9.14 -10.72
CA ASP A 95 -3.16 -9.34 -9.78
C ASP A 95 -2.55 -9.58 -8.41
N PRO A 96 -2.60 -8.58 -7.53
CA PRO A 96 -1.86 -8.70 -6.25
C PRO A 96 -2.49 -9.72 -5.31
N VAL A 97 -3.77 -9.97 -5.46
CA VAL A 97 -4.44 -10.99 -4.65
C VAL A 97 -3.90 -12.36 -4.99
N GLU A 98 -3.78 -12.62 -6.27
CA GLU A 98 -3.27 -13.88 -6.79
C GLU A 98 -1.78 -14.05 -6.47
N MET A 99 -0.98 -13.04 -6.81
CA MET A 99 0.46 -13.12 -6.59
C MET A 99 0.87 -13.21 -5.10
N ALA A 100 0.18 -12.51 -4.20
CA ALA A 100 0.42 -12.65 -2.76
C ALA A 100 0.31 -14.11 -2.27
N GLN A 101 -0.55 -14.88 -2.93
CA GLN A 101 -0.78 -16.26 -2.51
C GLN A 101 0.19 -17.22 -3.21
N THR A 102 0.48 -16.97 -4.49
CA THR A 102 1.33 -17.89 -5.23
C THR A 102 2.83 -17.58 -5.16
N GLY A 103 3.19 -16.32 -4.92
CA GLY A 103 4.61 -15.93 -4.95
C GLY A 103 5.17 -15.59 -3.58
N LYS A 104 4.44 -16.00 -2.56
CA LYS A 104 4.72 -15.65 -1.17
C LYS A 104 6.09 -16.12 -0.65
N ILE A 105 6.79 -15.24 0.04
CA ILE A 105 7.95 -15.67 0.84
C ILE A 105 7.75 -15.17 2.26
N ASP A 106 8.49 -15.73 3.21
CA ASP A 106 8.29 -15.35 4.61
C ASP A 106 9.26 -14.23 5.03
N GLY A 107 9.08 -13.70 6.23
CA GLY A 107 9.87 -12.52 6.67
C GLY A 107 11.37 -12.79 6.71
N ASN A 108 11.73 -14.01 7.06
CA ASN A 108 13.14 -14.39 7.07
C ASN A 108 13.69 -14.60 5.67
N GLU A 109 12.89 -15.14 4.75
CA GLU A 109 13.31 -15.24 3.35
C GLU A 109 13.49 -13.85 2.73
N PHE A 110 12.59 -12.94 3.10
CA PHE A 110 12.70 -11.54 2.71
C PHE A 110 14.08 -10.99 3.09
N ALA A 111 14.46 -11.20 4.36
CA ALA A 111 15.72 -10.65 4.88
C ALA A 111 16.94 -11.18 4.14
N GLU A 112 16.88 -12.44 3.70
CA GLU A 112 17.94 -13.01 2.88
C GLU A 112 17.93 -12.43 1.47
N SER A 113 16.73 -12.16 0.94
CA SER A 113 16.60 -11.59 -0.40
C SER A 113 17.09 -10.15 -0.47
N VAL A 114 16.65 -9.33 0.46
CA VAL A 114 16.90 -7.90 0.34
C VAL A 114 18.39 -7.60 0.31
N ASP A 115 19.17 -8.43 1.00
CA ASP A 115 20.63 -8.28 1.08
C ASP A 115 21.37 -8.52 -0.24
N GLN A 116 20.69 -9.05 -1.25
CA GLN A 116 21.36 -9.28 -2.53
CA GLN A 116 21.34 -9.32 -2.53
C GLN A 116 20.65 -8.67 -3.73
N LEU A 117 19.79 -7.68 -3.48
CA LEU A 117 19.12 -6.97 -4.56
C LEU A 117 20.12 -6.06 -5.27
N SER A 118 20.08 -6.03 -6.59
CA SER A 118 20.91 -5.10 -7.37
C SER A 118 20.56 -3.63 -7.14
N SER A 119 21.54 -2.80 -6.76
CA SER A 119 21.30 -1.36 -6.58
C SER A 119 20.99 -0.70 -7.90
N ALA A 120 21.16 -1.45 -8.99
CA ALA A 120 20.87 -0.92 -10.32
C ALA A 120 19.41 -1.13 -10.68
N LYS A 121 18.69 -1.85 -9.82
CA LYS A 121 17.28 -2.13 -10.08
C LYS A 121 16.32 -1.62 -8.98
N ASN A 122 15.03 -1.59 -9.30
CA ASN A 122 14.02 -1.17 -8.35
C ASN A 122 13.20 -2.38 -7.93
N TYR A 123 12.86 -2.46 -6.66
CA TYR A 123 11.99 -3.55 -6.21
C TYR A 123 10.90 -3.04 -5.30
N VAL A 124 9.80 -3.77 -5.22
CA VAL A 124 8.77 -3.39 -4.28
C VAL A 124 8.29 -4.66 -3.58
N ALA A 125 8.01 -4.56 -2.28
CA ALA A 125 7.46 -5.69 -1.52
C ALA A 125 6.03 -5.38 -1.11
N LEU A 126 5.13 -6.31 -1.39
CA LEU A 126 3.77 -6.24 -0.89
C LEU A 126 3.74 -7.09 0.38
N VAL A 127 3.53 -6.45 1.53
CA VAL A 127 3.66 -7.12 2.82
C VAL A 127 2.31 -7.32 3.47
N ASN A 128 1.96 -8.57 3.75
CA ASN A 128 0.80 -8.86 4.57
C ASN A 128 1.31 -9.30 5.94
N ASP A 129 1.31 -8.38 6.90
CA ASP A 129 1.80 -8.69 8.25
C ASP A 129 0.65 -9.32 9.04
N ARG A 130 0.68 -10.63 9.20
CA ARG A 130 -0.44 -11.31 9.84
CA ARG A 130 -0.41 -11.35 9.85
C ARG A 130 -0.40 -11.16 11.37
N ARG A 131 0.74 -10.68 11.90
CA ARG A 131 0.79 -10.36 13.34
C ARG A 131 -0.05 -9.10 13.59
N LEU A 132 0.08 -8.13 12.69
CA LEU A 132 -0.62 -6.86 12.82
C LEU A 132 -2.01 -6.88 12.15
N GLY A 133 -2.24 -7.85 11.28
CA GLY A 133 -3.42 -7.80 10.39
C GLY A 133 -3.38 -6.57 9.48
N HIS A 134 -2.22 -6.28 8.92
CA HIS A 134 -1.99 -5.02 8.21
C HIS A 134 -1.21 -5.29 6.95
N MET A 135 -1.66 -4.67 5.85
CA MET A 135 -0.97 -4.81 4.57
C MET A 135 -0.34 -3.45 4.23
N PHE A 136 0.90 -3.47 3.74
CA PHE A 136 1.55 -2.23 3.30
C PHE A 136 2.63 -2.51 2.24
N LEU A 137 3.19 -1.47 1.66
CA LEU A 137 4.20 -1.65 0.63
C LEU A 137 5.53 -1.13 1.17
N ILE A 138 6.61 -1.78 0.74
CA ILE A 138 7.95 -1.23 0.93
C ILE A 138 8.55 -1.00 -0.46
N ASP A 139 8.80 0.27 -0.79
CA ASP A 139 9.38 0.61 -2.08
C ASP A 139 10.88 0.62 -1.84
N ILE A 140 11.62 -0.16 -2.63
CA ILE A 140 13.10 -0.22 -2.56
C ILE A 140 13.72 0.19 -3.91
N PRO A 141 13.79 1.49 -4.17
CA PRO A 141 14.19 1.99 -5.48
C PRO A 141 15.71 1.96 -5.68
N SER A 142 16.11 1.88 -6.94
CA SER A 142 17.52 1.89 -7.29
C SER A 142 18.14 3.16 -6.75
N ASN A 143 19.42 3.09 -6.42
CA ASN A 143 20.04 4.16 -5.69
C ASN A 143 21.55 4.06 -5.95
N ASP A 144 22.23 5.19 -6.03
CA ASP A 144 23.69 5.12 -6.19
C ASP A 144 24.35 5.45 -4.86
N GLN A 145 23.53 5.43 -3.81
CA GLN A 145 24.00 5.56 -2.44
C GLN A 145 23.47 4.37 -1.64
N GLU A 146 23.02 4.62 -0.40
CA GLU A 146 22.50 3.55 0.43
C GLU A 146 21.14 3.05 -0.06
N THR A 147 20.99 1.74 -0.23
CA THR A 147 19.70 1.15 -0.57
C THR A 147 18.80 1.21 0.68
N VAL A 148 17.64 1.85 0.55
CA VAL A 148 16.73 2.01 1.66
C VAL A 148 15.31 1.72 1.17
N GLY A 149 14.38 1.56 2.11
CA GLY A 149 12.97 1.30 1.74
C GLY A 149 12.11 2.52 2.10
N TYR A 150 10.95 2.65 1.46
CA TYR A 150 9.98 3.66 1.84
C TYR A 150 8.65 2.95 1.99
N ILE A 151 7.90 3.25 3.04
CA ILE A 151 6.67 2.53 3.34
C ILE A 151 5.47 3.35 2.85
N TYR A 152 4.57 2.70 2.11
CA TYR A 152 3.31 3.30 1.65
C TYR A 152 2.19 2.49 2.32
N GLN A 153 1.30 3.18 3.03
CA GLN A 153 0.24 2.51 3.80
C GLN A 153 -0.90 3.45 4.14
N SER A 154 -2.04 2.83 4.48
CA SER A 154 -3.13 3.46 5.19
C SER A 154 -3.62 2.44 6.23
N ASP A 155 -4.53 2.86 7.11
CA ASP A 155 -4.89 1.97 8.21
C ASP A 155 -6.26 2.40 8.70
N LEU A 156 -7.20 1.46 8.74
CA LEU A 156 -8.53 1.73 9.28
C LEU A 156 -8.46 2.02 10.77
N GLY A 157 -7.41 1.53 11.42
CA GLY A 157 -7.19 1.76 12.86
C GLY A 157 -7.79 0.72 13.78
N GLN A 158 -8.08 -0.48 13.28
CA GLN A 158 -8.74 -1.45 14.17
C GLN A 158 -7.77 -2.48 14.77
N GLY A 159 -6.49 -2.35 14.43
CA GLY A 159 -5.45 -3.21 15.00
C GLY A 159 -4.61 -2.51 16.05
N ALA A 160 -3.29 -2.67 15.96
CA ALA A 160 -2.39 -2.13 16.96
C ALA A 160 -2.06 -0.65 16.73
N LEU A 161 -2.45 -0.11 15.58
CA LEU A 161 -2.11 1.27 15.22
C LEU A 161 -3.34 2.17 15.06
N PRO A 162 -3.13 3.49 15.08
CA PRO A 162 -4.25 4.42 14.93
C PRO A 162 -4.76 4.50 13.49
N PRO A 163 -5.95 5.08 13.29
CA PRO A 163 -6.45 5.31 11.96
C PRO A 163 -5.45 6.16 11.22
N LEU A 164 -5.26 5.89 9.94
CA LEU A 164 -4.25 6.62 9.15
C LEU A 164 -4.77 6.77 7.72
N LYS A 165 -4.94 8.02 7.27
CA LYS A 165 -5.44 8.28 5.91
C LYS A 165 -4.25 8.24 4.93
N ILE A 166 -4.47 7.65 3.74
CA ILE A 166 -3.40 7.45 2.77
C ILE A 166 -2.63 8.75 2.48
N ALA A 167 -3.34 9.84 2.25
CA ALA A 167 -2.68 11.11 1.91
C ALA A 167 -1.87 11.73 3.05
N ASP A 168 -2.34 11.60 4.29
CA ASP A 168 -1.64 12.09 5.45
C ASP A 168 -0.30 11.34 5.60
N TRP A 169 -0.34 10.02 5.44
CA TRP A 169 0.88 9.20 5.50
C TRP A 169 1.83 9.55 4.34
N LEU A 170 1.34 9.47 3.11
CA LEU A 170 2.18 9.75 1.94
C LEU A 170 2.76 11.16 1.94
N ASN A 171 2.03 12.12 2.47
CA ASN A 171 2.44 13.53 2.36
C ASN A 171 3.84 13.70 2.94
N SER A 172 4.15 12.99 4.00
CA SER A 172 5.51 13.08 4.51
C SER A 172 6.20 11.77 4.90
N ARG A 173 5.60 11.00 5.81
CA ARG A 173 6.24 9.77 6.28
C ARG A 173 6.50 8.77 5.14
N GLY A 174 5.65 8.78 4.11
CA GLY A 174 5.85 7.90 2.97
C GLY A 174 7.12 8.26 2.21
N LYS A 175 7.69 9.42 2.55
CA LYS A 175 8.89 9.88 1.88
C LYS A 175 10.13 9.64 2.75
N ASP A 176 9.93 9.08 3.94
CA ASP A 176 11.03 8.79 4.87
C ASP A 176 11.71 7.45 4.55
N ALA A 177 13.01 7.49 4.26
CA ALA A 177 13.80 6.27 4.09
C ALA A 177 13.86 5.45 5.38
N VAL A 178 13.77 4.14 5.24
CA VAL A 178 13.92 3.22 6.35
C VAL A 178 15.09 2.29 6.02
N SER A 179 16.03 2.09 6.94
CA SER A 179 17.16 1.21 6.62
C SER A 179 16.67 -0.22 6.39
N LEU A 180 17.35 -0.94 5.50
CA LEU A 180 17.04 -2.35 5.28
C LEU A 180 17.15 -3.15 6.58
N ASN A 181 18.08 -2.77 7.45
CA ASN A 181 18.23 -3.51 8.71
C ASN A 181 17.01 -3.39 9.64
N LYS A 182 16.41 -2.20 9.69
CA LYS A 182 15.21 -2.01 10.49
C LYS A 182 14.04 -2.83 9.97
N LEU A 183 13.91 -2.85 8.65
CA LEU A 183 12.81 -3.61 8.03
C LEU A 183 12.96 -5.11 8.25
N LYS A 184 14.20 -5.59 8.10
CA LYS A 184 14.48 -7.00 8.33
C LYS A 184 14.14 -7.35 9.76
N LYS A 185 14.53 -6.48 10.69
CA LYS A 185 14.26 -6.71 12.10
C LYS A 185 12.76 -6.74 12.38
N LEU A 186 12.03 -5.81 11.75
CA LEU A 186 10.58 -5.71 11.93
C LEU A 186 9.89 -6.97 11.46
N LEU A 187 10.30 -7.48 10.31
CA LEU A 187 9.57 -8.54 9.61
C LEU A 187 10.07 -9.95 9.92
N SER A 188 11.17 -10.07 10.65
CA SER A 188 11.74 -11.38 11.03
CA SER A 188 11.70 -11.40 11.01
C SER A 188 10.95 -12.04 12.16
N ARG A 189 11.08 -13.35 12.28
CA ARG A 189 10.48 -14.08 13.41
C ARG A 189 11.09 -13.64 14.73
N GLU A 190 12.34 -13.19 14.69
CA GLU A 190 13.01 -12.77 15.89
C GLU A 190 12.39 -11.51 16.49
N PHE A 191 11.56 -10.80 15.72
CA PHE A 191 10.81 -9.68 16.27
C PHE A 191 10.12 -10.06 17.59
N ASN A 192 9.63 -11.29 17.68
N ASN A 192 9.63 -11.29 17.68
CA ASN A 192 8.85 -11.70 18.84
CA ASN A 192 8.83 -11.72 18.83
C ASN A 192 9.70 -11.73 20.11
C ASN A 192 9.68 -11.95 20.08
N LEU A 193 10.99 -11.94 19.93
CA LEU A 193 11.90 -12.08 21.06
C LEU A 193 12.28 -10.73 21.68
N LEU A 194 11.82 -9.65 21.08
CA LEU A 194 12.12 -8.30 21.61
C LEU A 194 11.30 -7.95 22.83
N SER A 195 11.83 -7.04 23.64
CA SER A 195 11.10 -6.51 24.79
C SER A 195 9.90 -5.71 24.28
N ASP A 196 8.90 -5.56 25.13
CA ASP A 196 7.74 -4.76 24.77
C ASP A 196 8.14 -3.36 24.33
N ASP A 197 9.04 -2.71 25.07
CA ASP A 197 9.54 -1.40 24.70
C ASP A 197 10.17 -1.39 23.30
N GLU A 198 11.02 -2.37 23.00
CA GLU A 198 11.68 -2.39 21.71
C GLU A 198 10.65 -2.64 20.60
N LYS A 199 9.66 -3.49 20.88
CA LYS A 199 8.58 -3.76 19.91
C LYS A 199 7.82 -2.48 19.55
N ARG A 200 7.44 -1.73 20.58
CA ARG A 200 6.75 -0.46 20.36
C ARG A 200 7.61 0.56 19.62
N ALA A 201 8.91 0.58 19.92
CA ALA A 201 9.81 1.51 19.27
C ALA A 201 9.94 1.19 17.79
N LEU A 202 10.15 -0.09 17.49
CA LEU A 202 10.34 -0.52 16.10
C LEU A 202 9.08 -0.28 15.27
N ILE A 203 7.94 -0.65 15.83
CA ILE A 203 6.69 -0.52 15.09
C ILE A 203 6.38 0.97 14.89
N SER A 204 6.52 1.73 15.97
CA SER A 204 6.19 3.16 15.89
C SER A 204 7.12 3.87 14.91
N GLU A 205 8.42 3.55 14.96
CA GLU A 205 9.39 4.20 14.09
CA GLU A 205 9.38 4.21 14.09
C GLU A 205 9.10 3.98 12.61
N THR A 206 8.66 2.77 12.26
CA THR A 206 8.44 2.43 10.86
C THR A 206 7.03 2.76 10.35
N LEU A 207 6.03 2.59 11.22
CA LEU A 207 4.61 2.64 10.79
C LEU A 207 3.73 3.72 11.42
N ASP A 208 4.18 4.39 12.47
CA ASP A 208 3.30 5.42 13.07
C ASP A 208 3.57 6.82 12.54
N ILE A 209 2.50 7.54 12.27
CA ILE A 209 2.59 8.88 11.70
C ILE A 209 3.57 9.77 12.49
N HIS A 210 3.50 9.72 13.81
CA HIS A 210 4.34 10.56 14.69
C HIS A 210 5.47 9.82 15.40
N LYS A 211 5.75 8.59 14.96
CA LYS A 211 6.75 7.75 15.64
C LYS A 211 6.51 7.75 17.13
N ASP A 212 5.25 7.57 17.52
CA ASP A 212 4.88 7.69 18.92
C ASP A 212 4.60 6.30 19.52
N VAL A 213 5.44 5.88 20.47
CA VAL A 213 5.30 4.55 21.06
C VAL A 213 3.95 4.36 21.73
N SER A 214 3.35 5.44 22.23
CA SER A 214 2.07 5.30 22.92
C SER A 214 0.91 5.07 21.94
N ASN A 215 1.17 5.17 20.63
CA ASN A 215 0.18 4.80 19.61
C ASN A 215 0.19 3.31 19.23
N VAL A 216 1.10 2.54 19.78
CA VAL A 216 1.19 1.11 19.48
C VAL A 216 0.59 0.27 20.59
N GLU A 217 -0.49 -0.45 20.30
CA GLU A 217 -1.11 -1.32 21.29
C GLU A 217 -0.71 -2.77 21.05
N LEU A 218 0.26 -3.23 21.83
CA LEU A 218 0.80 -4.57 21.62
C LEU A 218 -0.25 -5.64 21.87
N ASP A 219 -1.22 -5.36 22.71
CA ASP A 219 -2.20 -6.40 23.00
C ASP A 219 -3.14 -6.67 21.83
N ARG A 220 -3.02 -5.86 20.79
CA ARG A 220 -3.79 -6.08 19.57
C ARG A 220 -3.03 -6.93 18.57
N ILE A 221 -1.77 -7.23 18.87
CA ILE A 221 -0.91 -7.96 17.94
C ILE A 221 -1.07 -9.46 18.17
N LYS A 222 -1.12 -10.24 17.10
CA LYS A 222 -1.17 -11.70 17.21
C LYS A 222 0.23 -12.30 17.21
N ARG A 223 0.74 -12.54 18.42
CA ARG A 223 2.12 -12.94 18.68
C ARG A 223 2.66 -14.08 17.82
N ASP A 224 1.84 -15.06 17.60
CA ASP A 224 2.36 -16.25 17.02
C ASP A 224 2.67 -16.13 15.51
N ARG A 225 2.00 -15.20 14.85
CA ARG A 225 1.93 -15.18 13.40
C ARG A 225 3.22 -14.70 12.73
N GLY A 226 3.30 -14.94 11.43
CA GLY A 226 4.45 -14.50 10.65
C GLY A 226 3.99 -13.45 9.65
N VAL A 227 4.79 -13.28 8.60
N VAL A 227 4.81 -13.22 8.64
CA VAL A 227 4.58 -12.24 7.62
CA VAL A 227 4.48 -12.23 7.63
C VAL A 227 4.69 -12.87 6.23
C VAL A 227 4.65 -12.88 6.26
N ASP A 228 3.74 -12.55 5.36
CA ASP A 228 3.73 -13.08 4.00
C ASP A 228 4.15 -11.94 3.09
N ILE A 229 5.17 -12.15 2.27
CA ILE A 229 5.68 -11.07 1.41
C ILE A 229 5.73 -11.51 -0.05
N TYR A 230 5.29 -10.62 -0.94
CA TYR A 230 5.54 -10.80 -2.38
C TYR A 230 6.48 -9.70 -2.85
N LEU A 231 7.69 -10.09 -3.19
CA LEU A 231 8.75 -9.17 -3.57
C LEU A 231 9.03 -9.29 -5.05
N THR A 232 8.99 -8.16 -5.77
CA THR A 232 9.19 -8.22 -7.22
C THR A 232 9.95 -7.00 -7.75
N GLU A 233 10.65 -7.18 -8.86
CA GLU A 233 11.32 -6.04 -9.52
C GLU A 233 10.28 -5.17 -10.21
N TYR A 234 10.53 -3.87 -10.31
CA TYR A 234 9.63 -3.03 -11.10
C TYR A 234 10.47 -2.01 -11.88
N ASP A 235 9.86 -1.46 -12.92
CA ASP A 235 10.52 -0.46 -13.78
C ASP A 235 9.91 0.87 -13.44
N VAL A 236 10.73 1.80 -12.95
CA VAL A 236 10.22 3.09 -12.51
C VAL A 236 9.56 3.89 -13.65
N ASN A 237 9.98 3.61 -14.88
CA ASN A 237 9.31 4.18 -16.05
C ASN A 237 7.84 3.75 -16.15
N ASN A 238 7.52 2.51 -15.75
CA ASN A 238 6.12 2.07 -15.70
C ASN A 238 5.38 2.80 -14.59
N PHE A 239 6.02 2.98 -13.44
CA PHE A 239 5.42 3.66 -12.28
C PHE A 239 5.06 5.11 -12.67
N TYR A 240 6.02 5.79 -13.28
CA TYR A 240 5.81 7.13 -13.79
C TYR A 240 4.69 7.20 -14.83
N GLU A 241 4.79 6.40 -15.89
CA GLU A 241 3.79 6.43 -16.97
C GLU A 241 2.40 5.98 -16.53
N ASN A 242 2.33 5.08 -15.57
CA ASN A 242 1.03 4.62 -15.09
C ASN A 242 0.31 5.76 -14.37
N ILE A 243 1.08 6.54 -13.61
CA ILE A 243 0.54 7.74 -13.00
C ILE A 243 0.10 8.80 -14.04
N GLU A 244 0.98 9.10 -14.99
CA GLU A 244 0.63 9.94 -16.13
C GLU A 244 -0.65 9.48 -16.82
N THR A 245 -0.78 8.17 -17.02
CA THR A 245 -1.93 7.64 -17.72
C THR A 245 -3.22 7.98 -16.99
N LEU A 246 -3.25 7.76 -15.68
CA LEU A 246 -4.45 8.10 -14.90
C LEU A 246 -4.74 9.59 -14.93
N LYS A 247 -3.71 10.42 -14.79
CA LYS A 247 -3.90 11.84 -14.83
C LYS A 247 -4.49 12.24 -16.19
N SER A 248 -3.99 11.63 -17.26
CA SER A 248 -4.49 11.95 -18.59
C SER A 248 -5.98 11.62 -18.71
N LYS A 249 -6.38 10.45 -18.19
CA LYS A 249 -7.78 9.98 -18.23
C LYS A 249 -8.76 11.05 -17.76
N LEU A 250 -8.27 12.00 -16.97
CA LEU A 250 -9.08 13.06 -16.39
C LEU A 250 -9.21 14.27 -17.31
S SO4 B . -0.27 -2.09 25.03
O1 SO4 B . -1.29 -2.97 24.43
O2 SO4 B . -0.87 -0.79 25.30
O3 SO4 B . 0.18 -2.67 26.29
O4 SO4 B . 0.88 -1.91 24.14
C1 GOL C . -7.82 5.33 6.70
O1 GOL C . -7.78 5.18 5.31
C2 GOL C . -9.22 5.79 7.10
O2 GOL C . -9.18 6.28 8.42
C3 GOL C . -10.18 4.60 6.98
O3 GOL C . -9.74 3.76 5.94
C1 GOL D . 10.34 -11.21 -10.71
O1 GOL D . 11.03 -10.16 -10.07
C2 GOL D . 8.92 -11.35 -10.13
O2 GOL D . 8.90 -10.97 -8.77
C3 GOL D . 8.44 -12.80 -10.21
O3 GOL D . 7.13 -12.87 -9.69
#